data_5DWC
#
_entry.id   5DWC
#
_cell.length_a   37.213
_cell.length_b   59.269
_cell.length_c   120.915
_cell.angle_alpha   90.000
_cell.angle_beta   90.000
_cell.angle_gamma   90.000
#
_symmetry.space_group_name_H-M   'P 21 21 21'
#
loop_
_entity.id
_entity.type
_entity.pdbx_description
1 polymer 'Type-2 restriction enzyme AgeI'
2 water water
#
_entity_poly.entity_id   1
_entity_poly.type   'polypeptide(L)'
_entity_poly.pdbx_seq_one_letter_code
;MRLDLDFGRGLVAHVMLDNVSEEQYQQISDYFVPLVNKPKLKSRDAIGQAFVMATEVCPDANPSDLWHHVLYRIYIREKI
GTDPSQSWVRTSGEAFEVALVERYNPVLARHGIRLTALFKGQKGLALTRMGVADRVGSRKVDVMIEKQGGGRSPDAEGFG
VVGGIHAKVSLAERVSDDIPASRIMMGEGLLSVLSTLDVKSFPPPHGDLVNRGELGTPDRPSDKRNYIEGHGDFSA
(CSO)FSYNLRTSPSNATTPSGRHIYVSGFSGQDDEFTDYLVAQLA
;
_entity_poly.pdbx_strand_id   A
#
# COMPACT_ATOMS: atom_id res chain seq x y z
N MET A 1 -9.40 12.96 17.33
CA MET A 1 -9.81 12.46 18.63
C MET A 1 -8.66 11.75 19.34
N ARG A 2 -8.72 11.72 20.67
CA ARG A 2 -7.68 11.08 21.47
C ARG A 2 -7.89 9.57 21.57
N LEU A 3 -6.83 8.82 21.26
CA LEU A 3 -6.86 7.38 21.42
C LEU A 3 -6.12 6.98 22.70
N ASP A 4 -6.64 6.00 23.41
CA ASP A 4 -5.99 5.48 24.60
C ASP A 4 -5.45 4.08 24.33
N LEU A 5 -4.12 3.95 24.37
CA LEU A 5 -3.47 2.69 24.06
C LEU A 5 -2.82 2.08 25.29
N ASP A 6 -3.12 0.80 25.53
CA ASP A 6 -2.65 0.11 26.73
C ASP A 6 -1.45 -0.78 26.43
N PHE A 7 -0.32 -0.47 27.05
CA PHE A 7 0.90 -1.27 26.88
C PHE A 7 1.30 -1.94 28.17
N LEU A 11 0.90 0.59 32.13
CA LEU A 11 1.40 1.53 31.13
C LEU A 11 0.31 1.94 30.15
N VAL A 12 0.07 3.25 30.05
CA VAL A 12 -0.93 3.77 29.13
C VAL A 12 -0.35 4.94 28.35
N ALA A 13 -0.74 5.05 27.08
CA ALA A 13 -0.26 6.14 26.22
C ALA A 13 -1.40 6.70 25.37
N HIS A 14 -1.19 7.90 24.84
CA HIS A 14 -2.22 8.56 24.04
C HIS A 14 -1.66 9.04 22.70
N VAL A 15 -2.54 9.18 21.72
CA VAL A 15 -2.15 9.71 20.42
C VAL A 15 -3.30 10.51 19.80
N MET A 16 -2.98 11.68 19.25
CA MET A 16 -3.98 12.54 18.65
C MET A 16 -4.30 12.10 17.22
N LEU A 17 -5.56 11.82 16.95
CA LEU A 17 -6.00 11.41 15.63
C LEU A 17 -6.76 12.54 14.95
N ASP A 18 -6.01 13.43 14.29
CA ASP A 18 -6.58 14.61 13.67
C ASP A 18 -7.56 14.27 12.55
N ASN A 19 -8.62 15.07 12.45
CA ASN A 19 -9.64 14.93 11.42
C ASN A 19 -10.38 13.59 11.50
N VAL A 20 -10.45 13.03 12.71
CA VAL A 20 -11.31 11.89 12.99
C VAL A 20 -12.14 12.17 14.24
N SER A 21 -13.44 12.31 14.06
CA SER A 21 -14.32 12.59 15.19
C SER A 21 -14.71 11.31 15.91
N GLU A 22 -15.17 11.45 17.15
CA GLU A 22 -15.66 10.33 17.94
C GLU A 22 -16.75 9.60 17.17
N GLU A 23 -17.61 10.37 16.52
CA GLU A 23 -18.70 9.85 15.71
C GLU A 23 -18.18 9.03 14.53
N GLN A 24 -17.13 9.52 13.89
CA GLN A 24 -16.56 8.88 12.72
C GLN A 24 -15.79 7.62 13.06
N TYR A 25 -15.12 7.61 14.21
CA TYR A 25 -14.39 6.44 14.67
C TYR A 25 -15.35 5.29 14.91
N GLN A 26 -16.50 5.62 15.51
CA GLN A 26 -17.50 4.63 15.83
C GLN A 26 -18.13 4.06 14.56
N GLN A 27 -18.32 4.92 13.57
CA GLN A 27 -18.87 4.50 12.29
C GLN A 27 -17.93 3.53 11.59
N ILE A 28 -16.63 3.80 11.70
CA ILE A 28 -15.61 2.90 11.16
C ILE A 28 -15.59 1.60 11.96
N SER A 29 -15.72 1.73 13.28
CA SER A 29 -15.65 0.58 14.18
C SER A 29 -16.89 -0.31 14.04
N ASP A 30 -18.04 0.31 13.80
CA ASP A 30 -19.28 -0.43 13.61
C ASP A 30 -19.25 -1.24 12.31
N TYR A 31 -18.46 -0.76 11.36
CA TYR A 31 -18.31 -1.43 10.07
C TYR A 31 -17.33 -2.60 10.19
N PHE A 32 -16.20 -2.36 10.86
CA PHE A 32 -15.06 -3.26 10.80
C PHE A 32 -15.12 -4.43 11.77
N VAL A 33 -15.51 -4.17 13.02
CA VAL A 33 -15.50 -5.18 14.07
C VAL A 33 -16.33 -6.44 13.76
N PRO A 34 -17.57 -6.29 13.25
CA PRO A 34 -18.31 -7.52 12.95
C PRO A 34 -17.68 -8.36 11.84
N LEU A 35 -16.80 -7.76 11.04
CA LEU A 35 -16.18 -8.46 9.93
C LEU A 35 -14.94 -9.23 10.35
N VAL A 36 -14.33 -8.83 11.46
CA VAL A 36 -13.08 -9.40 11.92
C VAL A 36 -13.15 -10.91 12.17
N ASN A 37 -14.18 -11.35 12.87
CA ASN A 37 -14.32 -12.77 13.20
C ASN A 37 -15.41 -13.46 12.39
N LYS A 38 -15.77 -12.86 11.26
CA LYS A 38 -16.80 -13.43 10.39
C LYS A 38 -16.27 -14.63 9.63
N PRO A 39 -16.94 -15.78 9.76
CA PRO A 39 -16.53 -17.01 9.07
C PRO A 39 -16.69 -16.89 7.56
N LYS A 40 -15.83 -17.59 6.82
CA LYS A 40 -15.88 -17.61 5.35
C LYS A 40 -15.63 -16.23 4.75
N LEU A 41 -15.12 -15.31 5.56
CA LEU A 41 -14.69 -13.99 5.10
C LEU A 41 -13.22 -13.78 5.46
N LYS A 42 -12.37 -13.75 4.44
CA LYS A 42 -10.93 -13.66 4.65
C LYS A 42 -10.53 -12.31 5.24
N SER A 43 -9.52 -12.34 6.11
CA SER A 43 -9.04 -11.15 6.80
C SER A 43 -8.63 -10.05 5.83
N ARG A 44 -8.00 -10.43 4.72
CA ARG A 44 -7.53 -9.45 3.75
C ARG A 44 -8.69 -8.67 3.13
N ASP A 45 -9.85 -9.32 3.02
CA ASP A 45 -11.03 -8.67 2.47
C ASP A 45 -11.71 -7.79 3.51
N ALA A 46 -11.72 -8.26 4.75
CA ALA A 46 -12.31 -7.49 5.86
C ALA A 46 -11.53 -6.20 6.09
N ILE A 47 -10.21 -6.33 6.17
CA ILE A 47 -9.34 -5.19 6.41
C ILE A 47 -9.26 -4.29 5.18
N GLY A 48 -9.26 -4.91 4.00
CA GLY A 48 -9.16 -4.18 2.76
C GLY A 48 -10.32 -3.26 2.50
N GLN A 49 -11.54 -3.80 2.57
CA GLN A 49 -12.74 -3.01 2.33
C GLN A 49 -12.93 -1.94 3.42
N ALA A 50 -12.51 -2.28 4.63
CA ALA A 50 -12.63 -1.36 5.77
C ALA A 50 -11.75 -0.13 5.57
N PHE A 51 -10.57 -0.35 4.99
CA PHE A 51 -9.64 0.74 4.74
C PHE A 51 -10.21 1.72 3.73
N VAL A 52 -10.77 1.18 2.65
CA VAL A 52 -11.43 1.98 1.63
C VAL A 52 -12.59 2.77 2.25
N MET A 53 -13.39 2.07 3.05
CA MET A 53 -14.54 2.68 3.71
C MET A 53 -14.10 3.78 4.68
N ALA A 54 -13.08 3.49 5.47
CA ALA A 54 -12.60 4.42 6.49
C ALA A 54 -12.08 5.73 5.88
N THR A 55 -11.39 5.61 4.75
CA THR A 55 -10.86 6.79 4.06
C THR A 55 -11.99 7.61 3.45
N GLU A 56 -13.08 6.94 3.10
CA GLU A 56 -14.26 7.64 2.60
C GLU A 56 -14.93 8.43 3.71
N VAL A 57 -14.99 7.82 4.89
CA VAL A 57 -15.61 8.45 6.05
C VAL A 57 -14.80 9.65 6.53
N CYS A 58 -13.48 9.49 6.58
CA CYS A 58 -12.59 10.57 7.00
C CYS A 58 -11.60 10.92 5.89
N PRO A 59 -12.07 11.64 4.86
CA PRO A 59 -11.26 11.96 3.69
C PRO A 59 -10.15 12.96 3.97
N ASP A 60 -10.18 13.59 5.14
CA ASP A 60 -9.20 14.60 5.48
C ASP A 60 -8.20 14.07 6.50
N ALA A 61 -8.47 12.86 7.01
CA ALA A 61 -7.58 12.22 7.96
C ALA A 61 -6.45 11.49 7.26
N ASN A 62 -5.31 11.36 7.93
CA ASN A 62 -4.17 10.66 7.39
C ASN A 62 -4.48 9.17 7.21
N PRO A 63 -4.54 8.71 5.96
CA PRO A 63 -4.87 7.31 5.63
C PRO A 63 -3.98 6.31 6.37
N SER A 64 -2.70 6.64 6.50
CA SER A 64 -1.76 5.77 7.19
C SER A 64 -2.11 5.66 8.66
N ASP A 65 -2.62 6.76 9.22
CA ASP A 65 -3.03 6.78 10.62
C ASP A 65 -4.30 5.95 10.83
N LEU A 66 -5.18 5.95 9.82
CA LEU A 66 -6.38 5.13 9.87
C LEU A 66 -6.02 3.65 9.80
N TRP A 67 -4.95 3.34 9.08
CA TRP A 67 -4.46 1.97 8.98
C TRP A 67 -3.77 1.55 10.27
N HIS A 68 -2.81 2.36 10.69
CA HIS A 68 -1.93 2.01 11.82
C HIS A 68 -2.62 2.14 13.17
N HIS A 69 -3.33 3.24 13.39
CA HIS A 69 -3.87 3.54 14.72
C HIS A 69 -5.34 3.12 14.89
N VAL A 70 -6.04 2.88 13.80
CA VAL A 70 -7.45 2.50 13.89
C VAL A 70 -7.68 1.03 13.53
N LEU A 71 -7.57 0.71 12.25
CA LEU A 71 -7.83 -0.65 11.77
C LEU A 71 -6.98 -1.70 12.47
N TYR A 72 -5.68 -1.45 12.52
CA TYR A 72 -4.74 -2.37 13.15
C TYR A 72 -5.08 -2.64 14.61
N ARG A 73 -5.21 -1.59 15.39
CA ARG A 73 -5.40 -1.70 16.83
C ARG A 73 -6.79 -2.23 17.19
N ILE A 74 -7.73 -2.10 16.26
CA ILE A 74 -9.05 -2.70 16.44
C ILE A 74 -8.97 -4.20 16.14
N TYR A 75 -8.18 -4.56 15.13
CA TYR A 75 -8.07 -5.95 14.71
C TYR A 75 -7.43 -6.83 15.80
N ILE A 76 -6.24 -6.45 16.26
CA ILE A 76 -5.53 -7.24 17.26
C ILE A 76 -6.26 -7.25 18.60
N ARG A 77 -7.22 -6.35 18.76
CA ARG A 77 -8.02 -6.29 19.98
C ARG A 77 -9.23 -7.21 19.87
N GLU A 78 -9.82 -7.28 18.68
CA GLU A 78 -11.06 -8.00 18.46
C GLU A 78 -10.86 -9.39 17.88
N LYS A 79 -9.66 -9.66 17.36
CA LYS A 79 -9.39 -10.95 16.74
C LYS A 79 -9.43 -12.09 17.75
N ILE A 80 -10.24 -13.10 17.46
CA ILE A 80 -10.35 -14.27 18.32
C ILE A 80 -9.42 -15.38 17.86
N GLY A 81 -8.50 -15.80 18.74
CA GLY A 81 -7.59 -16.87 18.43
C GLY A 81 -6.20 -16.39 18.07
N THR A 82 -5.22 -17.29 18.14
CA THR A 82 -3.84 -16.94 17.83
C THR A 82 -3.37 -17.57 16.53
N ASP A 83 -4.33 -17.99 15.72
CA ASP A 83 -4.04 -18.61 14.42
C ASP A 83 -3.18 -17.66 13.58
N PRO A 84 -1.92 -18.04 13.36
CA PRO A 84 -0.96 -17.19 12.61
C PRO A 84 -1.35 -17.01 11.15
N SER A 85 -2.21 -17.87 10.64
CA SER A 85 -2.69 -17.75 9.26
C SER A 85 -3.75 -16.66 9.16
N GLN A 86 -4.21 -16.19 10.31
CA GLN A 86 -5.22 -15.14 10.39
C GLN A 86 -4.67 -13.92 11.10
N SER A 87 -3.35 -13.92 11.32
CA SER A 87 -2.69 -12.80 11.97
C SER A 87 -2.81 -11.53 11.15
N TRP A 88 -2.74 -10.39 11.82
CA TRP A 88 -2.68 -9.11 11.14
C TRP A 88 -1.41 -9.07 10.29
N VAL A 89 -0.31 -9.54 10.88
CA VAL A 89 0.99 -9.57 10.21
C VAL A 89 0.95 -10.38 8.91
N ARG A 90 0.22 -11.48 8.94
CA ARG A 90 0.15 -12.39 7.82
C ARG A 90 -0.82 -11.91 6.73
N THR A 91 -1.81 -11.10 7.11
CA THR A 91 -2.89 -10.76 6.19
C THR A 91 -2.97 -9.28 5.80
N SER A 92 -2.34 -8.40 6.57
CA SER A 92 -2.47 -6.96 6.35
C SER A 92 -1.90 -6.53 5.01
N GLY A 93 -0.83 -7.17 4.58
CA GLY A 93 -0.19 -6.85 3.32
C GLY A 93 -1.10 -7.09 2.13
N GLU A 94 -1.78 -8.23 2.16
CA GLU A 94 -2.70 -8.58 1.08
C GLU A 94 -3.97 -7.74 1.14
N ALA A 95 -4.30 -7.26 2.34
CA ALA A 95 -5.43 -6.36 2.52
C ALA A 95 -5.16 -5.03 1.85
N PHE A 96 -3.90 -4.60 1.88
CA PHE A 96 -3.47 -3.38 1.23
C PHE A 96 -3.61 -3.52 -0.29
N GLU A 97 -3.26 -4.69 -0.81
CA GLU A 97 -3.40 -4.99 -2.23
C GLU A 97 -4.87 -4.92 -2.64
N VAL A 98 -5.72 -5.52 -1.82
CA VAL A 98 -7.17 -5.52 -2.04
C VAL A 98 -7.71 -4.09 -2.03
N ALA A 99 -7.18 -3.27 -1.13
CA ALA A 99 -7.60 -1.88 -1.02
C ALA A 99 -7.25 -1.09 -2.27
N LEU A 100 -6.04 -1.28 -2.77
CA LEU A 100 -5.58 -0.58 -3.97
C LEU A 100 -6.43 -0.93 -5.19
N VAL A 101 -6.71 -2.22 -5.36
CA VAL A 101 -7.53 -2.69 -6.47
C VAL A 101 -8.93 -2.12 -6.41
N GLU A 102 -9.52 -2.14 -5.22
CA GLU A 102 -10.87 -1.65 -5.02
C GLU A 102 -10.97 -0.15 -5.26
N ARG A 103 -9.93 0.57 -4.86
CA ARG A 103 -9.92 2.03 -4.91
C ARG A 103 -9.68 2.60 -6.31
N TYR A 104 -8.79 1.95 -7.07
CA TYR A 104 -8.30 2.56 -8.30
C TYR A 104 -8.88 2.00 -9.60
N ASN A 105 -9.22 0.71 -9.61
CA ASN A 105 -9.75 0.08 -10.81
C ASN A 105 -10.99 0.77 -11.43
N PRO A 106 -11.93 1.24 -10.60
CA PRO A 106 -13.04 1.99 -11.22
C PRO A 106 -12.59 3.24 -11.98
N VAL A 107 -11.56 3.90 -11.48
CA VAL A 107 -11.02 5.08 -12.16
C VAL A 107 -10.17 4.65 -13.36
N LEU A 108 -9.41 3.58 -13.18
CA LEU A 108 -8.49 3.10 -14.21
C LEU A 108 -9.20 2.35 -15.33
N ALA A 109 -10.43 1.91 -15.08
CA ALA A 109 -11.17 1.11 -16.05
C ALA A 109 -11.39 1.84 -17.36
N ARG A 110 -11.63 3.15 -17.27
CA ARG A 110 -11.92 3.96 -18.45
C ARG A 110 -10.74 3.99 -19.43
N HIS A 111 -9.53 4.12 -18.89
CA HIS A 111 -8.34 4.22 -19.72
C HIS A 111 -7.81 2.85 -20.14
N GLY A 112 -8.53 1.80 -19.78
CA GLY A 112 -8.17 0.44 -20.16
C GLY A 112 -7.14 -0.19 -19.24
N ILE A 113 -6.83 0.50 -18.15
CA ILE A 113 -5.82 0.02 -17.20
C ILE A 113 -6.48 -0.80 -16.10
N ARG A 114 -5.91 -1.98 -15.82
CA ARG A 114 -6.50 -2.89 -14.86
C ARG A 114 -5.49 -3.38 -13.83
N LEU A 115 -5.84 -3.26 -12.55
CA LEU A 115 -5.01 -3.79 -11.48
C LEU A 115 -5.51 -5.17 -11.06
N THR A 116 -4.61 -5.97 -10.50
CA THR A 116 -4.96 -7.31 -10.03
C THR A 116 -4.05 -7.73 -8.88
N ALA A 117 -4.62 -7.85 -7.69
CA ALA A 117 -3.86 -8.24 -6.51
C ALA A 117 -3.31 -9.67 -6.66
N LEU A 118 -2.10 -9.88 -6.16
CA LEU A 118 -1.48 -11.20 -6.21
C LEU A 118 -1.19 -11.71 -4.81
N PHE A 119 -1.80 -12.83 -4.44
CA PHE A 119 -1.66 -13.37 -3.11
C PHE A 119 -0.65 -14.50 -3.07
N LYS A 120 -0.08 -14.74 -1.89
CA LYS A 120 0.99 -15.72 -1.71
C LYS A 120 0.61 -17.11 -2.26
N GLY A 121 1.42 -17.60 -3.18
CA GLY A 121 1.22 -18.93 -3.74
C GLY A 121 0.64 -18.93 -5.13
N GLN A 122 -0.14 -17.90 -5.45
CA GLN A 122 -0.81 -17.82 -6.74
C GLN A 122 -0.43 -16.57 -7.53
N LYS A 123 0.83 -16.51 -7.96
CA LYS A 123 1.30 -15.40 -8.76
C LYS A 123 2.24 -15.92 -9.85
N GLY A 124 2.35 -17.24 -9.95
CA GLY A 124 3.17 -17.87 -10.96
C GLY A 124 2.68 -17.58 -12.36
N LEU A 125 1.37 -17.61 -12.54
CA LEU A 125 0.76 -17.26 -13.81
C LEU A 125 1.07 -15.81 -14.16
N ALA A 126 0.90 -14.94 -13.18
CA ALA A 126 1.15 -13.51 -13.36
C ALA A 126 2.62 -13.23 -13.69
N LEU A 127 3.52 -13.84 -12.93
CA LEU A 127 4.96 -13.61 -13.12
C LEU A 127 5.48 -14.21 -14.42
N THR A 128 4.92 -15.34 -14.82
CA THR A 128 5.30 -15.99 -16.08
C THR A 128 4.85 -15.14 -17.27
N ARG A 129 3.59 -14.70 -17.23
CA ARG A 129 3.06 -13.81 -18.25
C ARG A 129 3.88 -12.51 -18.30
N MET A 130 4.36 -12.10 -17.13
CA MET A 130 5.20 -10.92 -17.02
C MET A 130 6.57 -11.19 -17.64
N GLY A 131 6.95 -12.47 -17.66
CA GLY A 131 8.19 -12.89 -18.30
C GLY A 131 9.42 -12.66 -17.44
N VAL A 132 9.21 -12.54 -16.13
CA VAL A 132 10.32 -12.29 -15.22
C VAL A 132 10.40 -13.35 -14.12
N ALA A 133 9.44 -14.27 -14.09
CA ALA A 133 9.45 -15.38 -13.14
C ALA A 133 10.75 -16.14 -13.24
N ASP A 134 11.32 -16.12 -14.44
CA ASP A 134 12.66 -16.64 -14.73
C ASP A 134 13.68 -16.27 -13.67
N ARG A 135 13.70 -15.00 -13.29
CA ARG A 135 14.82 -14.44 -12.53
C ARG A 135 14.44 -13.88 -11.16
N VAL A 136 13.16 -13.93 -10.80
CA VAL A 136 12.71 -13.28 -9.57
C VAL A 136 12.13 -14.24 -8.53
N GLY A 137 11.66 -15.40 -8.97
CA GLY A 137 11.03 -16.35 -8.08
C GLY A 137 9.51 -16.19 -8.07
N SER A 138 8.86 -16.87 -7.13
CA SER A 138 7.40 -16.94 -7.13
C SER A 138 6.74 -16.10 -6.05
N ARG A 139 7.50 -15.20 -5.42
CA ARG A 139 6.96 -14.40 -4.31
C ARG A 139 7.38 -12.93 -4.36
N LYS A 140 7.44 -12.33 -5.55
CA LYS A 140 8.04 -11.00 -5.69
C LYS A 140 7.07 -9.83 -5.93
N VAL A 141 6.07 -10.02 -6.78
CA VAL A 141 5.16 -8.93 -7.12
C VAL A 141 3.82 -9.03 -6.40
N ASP A 142 3.37 -7.90 -5.87
CA ASP A 142 2.13 -7.84 -5.10
C ASP A 142 0.92 -7.51 -5.95
N VAL A 143 1.01 -6.45 -6.77
CA VAL A 143 -0.11 -6.08 -7.64
C VAL A 143 0.34 -5.93 -9.09
N MET A 144 -0.34 -6.66 -9.98
CA MET A 144 0.00 -6.63 -11.41
C MET A 144 -0.76 -5.52 -12.15
N ILE A 145 -0.08 -4.86 -13.07
CA ILE A 145 -0.70 -3.82 -13.88
C ILE A 145 -0.88 -4.28 -15.32
N GLU A 146 -2.12 -4.27 -15.81
CA GLU A 146 -2.42 -4.66 -17.17
C GLU A 146 -3.08 -3.51 -17.94
N LYS A 147 -3.10 -3.63 -19.26
CA LYS A 147 -3.60 -2.55 -20.12
C LYS A 147 -4.39 -3.09 -21.31
N GLN A 148 -5.53 -2.46 -21.57
CA GLN A 148 -6.32 -2.78 -22.75
C GLN A 148 -5.51 -2.49 -24.02
N GLY A 149 -5.30 -3.53 -24.82
CA GLY A 149 -4.52 -3.39 -26.03
C GLY A 149 -3.07 -3.79 -25.82
N GLY A 150 -2.22 -2.79 -25.53
CA GLY A 150 -0.80 -3.01 -25.38
C GLY A 150 -0.42 -3.93 -24.24
N GLY A 151 0.86 -4.28 -24.17
CA GLY A 151 1.36 -5.17 -23.13
C GLY A 151 1.85 -6.48 -23.70
N ARG A 152 2.31 -7.38 -22.83
CA ARG A 152 2.79 -8.68 -23.26
C ARG A 152 1.94 -9.80 -22.65
N SER A 153 1.92 -10.95 -23.32
CA SER A 153 1.04 -12.05 -22.95
C SER A 153 -0.39 -11.61 -22.67
N PRO A 154 -1.07 -11.06 -23.69
CA PRO A 154 -2.43 -10.55 -23.47
C PRO A 154 -3.43 -11.67 -23.26
N ASP A 155 -4.39 -11.49 -22.37
CA ASP A 155 -5.46 -12.46 -22.21
C ASP A 155 -6.42 -12.35 -23.39
N ALA A 156 -7.51 -13.12 -23.35
CA ALA A 156 -8.46 -13.16 -24.45
C ALA A 156 -9.11 -11.80 -24.71
N GLU A 157 -9.12 -10.95 -23.68
CA GLU A 157 -9.75 -9.64 -23.79
C GLU A 157 -8.76 -8.56 -24.26
N GLY A 158 -7.50 -8.97 -24.44
CA GLY A 158 -6.48 -8.06 -24.94
C GLY A 158 -5.78 -7.25 -23.87
N PHE A 159 -5.71 -7.81 -22.67
CA PHE A 159 -5.03 -7.15 -21.55
C PHE A 159 -3.62 -7.70 -21.38
N GLY A 160 -2.62 -6.88 -21.72
CA GLY A 160 -1.24 -7.28 -21.61
C GLY A 160 -0.56 -6.71 -20.38
N VAL A 161 0.40 -7.46 -19.85
CA VAL A 161 1.15 -7.02 -18.68
C VAL A 161 2.05 -5.84 -19.03
N VAL A 162 1.88 -4.73 -18.31
CA VAL A 162 2.66 -3.52 -18.57
C VAL A 162 3.49 -3.08 -17.37
N GLY A 163 3.39 -3.82 -16.27
CA GLY A 163 4.14 -3.48 -15.07
C GLY A 163 3.62 -4.16 -13.82
N GLY A 164 4.17 -3.78 -12.67
CA GLY A 164 3.77 -4.37 -11.41
C GLY A 164 3.95 -3.42 -10.24
N ILE A 165 3.30 -3.76 -9.12
CA ILE A 165 3.37 -2.92 -7.93
C ILE A 165 3.89 -3.70 -6.73
N HIS A 166 4.80 -3.10 -5.99
CA HIS A 166 5.25 -3.64 -4.71
C HIS A 166 4.54 -2.92 -3.57
N ALA A 167 3.46 -3.50 -3.08
CA ALA A 167 2.67 -2.88 -2.03
C ALA A 167 3.23 -3.19 -0.65
N LYS A 168 3.86 -2.20 -0.04
CA LYS A 168 4.44 -2.36 1.29
C LYS A 168 3.78 -1.44 2.31
N VAL A 169 3.09 -2.03 3.29
CA VAL A 169 2.43 -1.26 4.34
C VAL A 169 3.45 -0.39 5.08
N SER A 170 4.61 -0.98 5.38
CA SER A 170 5.69 -0.24 6.00
C SER A 170 6.99 -0.45 5.23
N LEU A 171 7.75 0.62 5.05
CA LEU A 171 9.03 0.53 4.37
C LEU A 171 10.12 0.02 5.30
N ALA A 172 9.75 -0.21 6.56
CA ALA A 172 10.65 -0.83 7.53
C ALA A 172 10.78 -2.31 7.23
N GLU A 173 9.95 -2.79 6.31
CA GLU A 173 9.95 -4.17 5.88
C GLU A 173 11.22 -4.47 5.07
N ARG A 174 11.32 -5.70 4.57
CA ARG A 174 12.44 -6.09 3.71
C ARG A 174 12.33 -5.39 2.36
N VAL A 175 12.44 -4.06 2.36
CA VAL A 175 12.22 -3.29 1.14
C VAL A 175 13.35 -3.48 0.13
N SER A 176 14.55 -3.77 0.63
CA SER A 176 15.71 -3.97 -0.22
C SER A 176 15.66 -5.34 -0.89
N ASP A 177 14.74 -6.18 -0.43
CA ASP A 177 14.57 -7.51 -0.99
C ASP A 177 13.85 -7.47 -2.34
N ASP A 178 13.04 -6.44 -2.53
CA ASP A 178 12.24 -6.28 -3.74
C ASP A 178 12.99 -5.53 -4.83
N ILE A 179 14.11 -4.91 -4.44
CA ILE A 179 14.90 -4.07 -5.35
C ILE A 179 15.51 -4.83 -6.54
N PRO A 180 16.08 -6.04 -6.31
CA PRO A 180 16.59 -6.76 -7.49
C PRO A 180 15.49 -7.08 -8.52
N ALA A 181 14.35 -7.54 -8.03
CA ALA A 181 13.22 -7.86 -8.89
C ALA A 181 12.71 -6.62 -9.60
N SER A 182 12.69 -5.51 -8.87
CA SER A 182 12.25 -4.23 -9.42
C SER A 182 13.18 -3.75 -10.53
N ARG A 183 14.48 -3.95 -10.33
CA ARG A 183 15.48 -3.59 -11.34
C ARG A 183 15.32 -4.43 -12.60
N ILE A 184 15.10 -5.72 -12.41
CA ILE A 184 14.90 -6.66 -13.52
C ILE A 184 13.61 -6.31 -14.26
N MET A 185 12.61 -5.89 -13.52
CA MET A 185 11.36 -5.44 -14.11
C MET A 185 11.54 -4.21 -14.99
N MET A 186 12.15 -3.18 -14.42
CA MET A 186 12.36 -1.91 -15.12
C MET A 186 13.25 -2.08 -16.34
N GLY A 187 14.18 -3.02 -16.29
CA GLY A 187 15.05 -3.28 -17.42
C GLY A 187 14.31 -3.89 -18.59
N GLU A 188 13.21 -4.58 -18.31
CA GLU A 188 12.43 -5.24 -19.33
C GLU A 188 11.36 -4.31 -19.92
N GLY A 189 11.40 -3.05 -19.51
CA GLY A 189 10.45 -2.05 -19.99
C GLY A 189 9.13 -2.09 -19.24
N LEU A 190 9.16 -2.65 -18.03
CA LEU A 190 7.98 -2.75 -17.19
C LEU A 190 7.99 -1.70 -16.09
N LEU A 191 6.82 -1.18 -15.74
CA LEU A 191 6.69 -0.24 -14.64
C LEU A 191 6.83 -0.97 -13.31
N SER A 192 7.66 -0.43 -12.43
CA SER A 192 7.85 -1.02 -11.11
C SER A 192 7.53 0.00 -10.03
N VAL A 193 6.28 0.03 -9.60
CA VAL A 193 5.80 1.04 -8.67
C VAL A 193 5.89 0.59 -7.22
N LEU A 194 6.33 1.50 -6.36
CA LEU A 194 6.35 1.23 -4.93
C LEU A 194 5.21 1.96 -4.22
N SER A 195 4.10 1.26 -4.01
CA SER A 195 2.97 1.82 -3.28
C SER A 195 3.11 1.49 -1.80
N THR A 196 3.03 2.51 -0.96
CA THR A 196 3.26 2.31 0.47
C THR A 196 2.36 3.16 1.35
N LEU A 197 2.14 2.69 2.58
CA LEU A 197 1.41 3.46 3.58
C LEU A 197 2.42 4.17 4.47
N ASP A 198 3.69 3.79 4.30
CA ASP A 198 4.81 4.39 5.04
C ASP A 198 4.52 4.43 6.54
N VAL A 199 4.13 3.29 7.09
CA VAL A 199 3.79 3.19 8.50
C VAL A 199 5.02 3.03 9.37
N LYS A 200 5.22 3.97 10.29
CA LYS A 200 6.27 3.85 11.29
C LYS A 200 6.06 4.76 12.47
N SER A 201 5.65 4.18 13.60
CA SER A 201 5.57 4.90 14.85
C SER A 201 6.37 4.13 15.90
N PHE A 202 6.83 4.83 16.93
CA PHE A 202 7.58 4.19 17.99
C PHE A 202 6.76 4.22 19.28
N PRO A 203 6.65 3.06 19.94
CA PRO A 203 5.83 2.88 21.14
C PRO A 203 6.47 3.50 22.37
N PRO A 204 5.71 3.63 23.47
CA PRO A 204 6.35 3.95 24.75
C PRO A 204 7.35 2.87 25.12
N PRO A 205 8.32 3.18 26.00
CA PRO A 205 8.47 4.40 26.80
C PRO A 205 9.15 5.57 26.09
N HIS A 206 9.85 5.30 24.99
CA HIS A 206 10.69 6.32 24.38
C HIS A 206 10.07 6.97 23.14
N GLY A 207 9.19 6.25 22.46
CA GLY A 207 8.52 6.79 21.30
C GLY A 207 7.27 7.58 21.67
N ASP A 208 6.82 8.44 20.77
CA ASP A 208 5.63 9.24 21.03
C ASP A 208 4.46 8.78 20.16
N LEU A 209 4.64 7.66 19.47
CA LEU A 209 3.58 7.00 18.70
C LEU A 209 3.06 7.80 17.51
N VAL A 210 3.78 8.86 17.13
CA VAL A 210 3.41 9.61 15.93
C VAL A 210 3.92 8.89 14.68
N ASN A 211 3.00 8.59 13.77
CA ASN A 211 3.32 7.84 12.56
C ASN A 211 4.06 8.68 11.53
N ARG A 212 5.37 8.75 11.65
CA ARG A 212 6.17 9.62 10.79
C ARG A 212 6.68 8.93 9.52
N GLY A 213 6.78 7.61 9.56
CA GLY A 213 7.26 6.86 8.41
C GLY A 213 8.76 6.67 8.43
N GLU A 214 9.32 6.19 7.33
CA GLU A 214 10.75 5.91 7.26
C GLU A 214 11.43 6.54 6.05
N LEU A 215 10.90 7.66 5.58
CA LEU A 215 11.45 8.30 4.39
C LEU A 215 12.13 9.64 4.70
N GLY A 216 12.03 10.09 5.95
CA GLY A 216 12.67 11.31 6.38
C GLY A 216 12.32 12.52 5.54
N THR A 217 13.34 13.31 5.18
CA THR A 217 13.16 14.49 4.34
C THR A 217 14.22 14.48 3.24
N PRO A 218 13.96 15.17 2.12
CA PRO A 218 14.95 15.28 1.05
C PRO A 218 16.27 15.94 1.48
N ASP A 219 16.22 16.74 2.54
CA ASP A 219 17.41 17.39 3.06
C ASP A 219 18.22 16.44 3.94
N ARG A 220 17.63 15.29 4.24
CA ARG A 220 18.23 14.33 5.16
C ARG A 220 18.47 12.99 4.46
N PRO A 221 19.75 12.62 4.28
CA PRO A 221 20.13 11.36 3.63
C PRO A 221 19.49 10.13 4.27
N SER A 222 18.48 9.58 3.61
CA SER A 222 17.83 8.36 4.06
C SER A 222 18.02 7.26 3.02
N ASP A 223 18.54 6.12 3.45
CA ASP A 223 18.82 5.01 2.55
C ASP A 223 17.58 4.54 1.80
N LYS A 224 16.44 4.58 2.49
CA LYS A 224 15.17 4.23 1.88
C LYS A 224 14.83 5.19 0.75
N ARG A 225 14.85 6.48 1.07
CA ARG A 225 14.56 7.53 0.10
C ARG A 225 15.56 7.52 -1.06
N ASN A 226 16.80 7.14 -0.76
CA ASN A 226 17.85 7.10 -1.76
C ASN A 226 17.67 5.99 -2.78
N TYR A 227 16.82 5.02 -2.46
CA TYR A 227 16.46 3.99 -3.42
C TYR A 227 15.71 4.62 -4.58
N ILE A 228 14.80 5.54 -4.25
CA ILE A 228 13.97 6.22 -5.25
C ILE A 228 14.71 7.39 -5.89
N GLU A 229 15.08 8.36 -5.08
CA GLU A 229 15.63 9.62 -5.58
C GLU A 229 17.10 9.54 -5.94
N GLY A 230 17.76 8.46 -5.51
CA GLY A 230 19.18 8.30 -5.78
C GLY A 230 19.47 7.25 -6.84
N HIS A 231 19.09 6.01 -6.55
CA HIS A 231 19.42 4.88 -7.42
C HIS A 231 18.31 4.61 -8.45
N GLY A 232 17.11 5.10 -8.18
CA GLY A 232 15.99 4.89 -9.08
C GLY A 232 15.65 3.42 -9.23
N ASP A 233 15.64 2.70 -8.12
CA ASP A 233 15.36 1.27 -8.14
C ASP A 233 13.88 0.97 -8.35
N PHE A 234 13.06 2.01 -8.28
CA PHE A 234 11.64 1.89 -8.59
C PHE A 234 11.25 2.98 -9.57
N SER A 235 10.22 2.72 -10.36
CA SER A 235 9.71 3.69 -11.32
C SER A 235 9.23 4.95 -10.61
N ALA A 236 8.39 4.75 -9.59
CA ALA A 236 7.91 5.84 -8.77
C ALA A 236 7.50 5.31 -7.41
N CSO A 237 7.32 6.21 -6.46
CA CSO A 237 6.98 5.81 -5.11
CB CSO A 237 8.15 6.11 -4.17
SG CSO A 237 7.70 5.87 -2.45
C CSO A 237 5.75 6.60 -4.67
O CSO A 237 5.72 7.83 -4.74
OD CSO A 237 8.98 4.95 -1.61
N PHE A 238 4.73 5.88 -4.21
CA PHE A 238 3.49 6.52 -3.77
C PHE A 238 3.17 6.21 -2.32
N SER A 239 3.17 7.25 -1.50
CA SER A 239 2.89 7.10 -0.08
C SER A 239 1.54 7.71 0.28
N TYR A 240 0.85 7.11 1.23
CA TYR A 240 -0.45 7.60 1.68
C TYR A 240 -0.36 8.00 3.15
N ASN A 241 0.86 8.13 3.62
CA ASN A 241 1.13 8.79 4.89
C ASN A 241 1.31 10.27 4.62
N LEU A 242 0.39 11.08 5.11
CA LEU A 242 0.41 12.51 4.84
C LEU A 242 1.64 13.19 5.45
N ARG A 243 2.33 12.48 6.33
CA ARG A 243 3.54 13.00 6.96
C ARG A 243 4.79 12.70 6.13
N THR A 244 4.62 11.90 5.08
CA THR A 244 5.73 11.59 4.19
C THR A 244 6.15 12.82 3.40
N SER A 245 7.44 13.14 3.46
CA SER A 245 7.98 14.25 2.70
C SER A 245 8.09 13.88 1.23
N PRO A 246 7.32 14.55 0.37
CA PRO A 246 7.39 14.31 -1.07
C PRO A 246 8.73 14.75 -1.65
N SER A 247 9.06 14.27 -2.84
CA SER A 247 10.33 14.63 -3.46
C SER A 247 10.34 16.10 -3.84
N ASN A 248 11.53 16.67 -3.97
CA ASN A 248 11.67 18.01 -4.51
C ASN A 248 11.27 18.02 -5.98
N ALA A 249 11.32 19.20 -6.59
CA ALA A 249 11.00 19.33 -8.01
C ALA A 249 11.91 18.46 -8.86
N THR A 250 13.18 18.44 -8.52
CA THR A 250 14.16 17.64 -9.26
C THR A 250 14.87 16.62 -8.35
N THR A 251 15.12 15.44 -8.87
CA THR A 251 15.86 14.41 -8.15
C THR A 251 16.97 13.86 -9.04
N PRO A 252 18.08 13.42 -8.42
CA PRO A 252 19.21 12.83 -9.16
C PRO A 252 18.80 11.72 -10.14
N SER A 253 17.96 10.81 -9.69
CA SER A 253 17.52 9.69 -10.52
C SER A 253 16.40 10.12 -11.47
N GLY A 254 15.67 11.16 -11.10
CA GLY A 254 14.52 11.59 -11.88
C GLY A 254 13.28 10.85 -11.44
N ARG A 255 13.41 10.11 -10.33
CA ARG A 255 12.30 9.39 -9.74
C ARG A 255 11.79 10.16 -8.52
N HIS A 256 10.49 10.10 -8.28
CA HIS A 256 9.89 10.89 -7.21
C HIS A 256 9.05 10.10 -6.22
N ILE A 257 8.98 10.61 -5.00
CA ILE A 257 8.07 10.11 -3.99
C ILE A 257 6.84 11.00 -3.94
N TYR A 258 5.71 10.50 -4.45
CA TYR A 258 4.47 11.26 -4.44
C TYR A 258 3.68 10.97 -3.17
N VAL A 259 3.05 12.01 -2.62
CA VAL A 259 2.29 11.87 -1.38
C VAL A 259 0.89 12.46 -1.53
N SER A 260 -0.13 11.68 -1.15
CA SER A 260 -1.51 12.13 -1.22
C SER A 260 -2.41 11.30 -0.31
N GLY A 261 -3.66 11.75 -0.16
CA GLY A 261 -4.65 11.00 0.59
C GLY A 261 -5.11 9.82 -0.24
N PHE A 262 -5.89 8.92 0.36
CA PHE A 262 -6.30 7.70 -0.33
C PHE A 262 -7.69 7.84 -0.94
N SER A 263 -8.55 8.65 -0.33
CA SER A 263 -9.91 8.84 -0.82
C SER A 263 -9.94 9.68 -2.09
N GLY A 264 -11.06 9.66 -2.80
CA GLY A 264 -11.25 10.49 -3.98
C GLY A 264 -11.43 9.70 -5.27
N GLN A 265 -11.24 10.39 -6.39
CA GLN A 265 -11.34 9.77 -7.71
C GLN A 265 -9.95 9.63 -8.33
N ASP A 266 -9.64 10.52 -9.27
CA ASP A 266 -8.32 10.56 -9.87
C ASP A 266 -7.34 11.27 -8.95
N ASP A 267 -6.09 10.82 -8.96
CA ASP A 267 -5.04 11.48 -8.19
C ASP A 267 -3.73 11.38 -8.96
N GLU A 268 -2.62 11.63 -8.25
CA GLU A 268 -1.31 11.58 -8.88
C GLU A 268 -0.92 10.17 -9.30
N PHE A 269 -1.55 9.17 -8.70
CA PHE A 269 -1.26 7.78 -9.04
C PHE A 269 -1.92 7.36 -10.35
N THR A 270 -3.20 7.67 -10.50
CA THR A 270 -3.92 7.35 -11.72
C THR A 270 -3.42 8.21 -12.88
N ASP A 271 -3.15 9.49 -12.59
CA ASP A 271 -2.61 10.40 -13.60
C ASP A 271 -1.23 9.96 -14.05
N TYR A 272 -0.48 9.34 -13.15
CA TYR A 272 0.83 8.79 -13.48
C TYR A 272 0.67 7.59 -14.42
N LEU A 273 -0.17 6.64 -14.01
CA LEU A 273 -0.38 5.43 -14.80
C LEU A 273 -0.96 5.73 -16.18
N VAL A 274 -1.79 6.78 -16.27
CA VAL A 274 -2.38 7.14 -17.55
C VAL A 274 -1.32 7.63 -18.53
N ALA A 275 -0.43 8.52 -18.05
CA ALA A 275 0.62 9.07 -18.89
C ALA A 275 1.60 8.01 -19.36
N GLN A 276 2.10 7.23 -18.40
CA GLN A 276 3.08 6.18 -18.70
C GLN A 276 2.48 5.09 -19.58
N LEU A 277 1.16 4.94 -19.50
CA LEU A 277 0.46 3.91 -20.27
C LEU A 277 -0.62 4.53 -21.14
#